data_7HJM
#
_entry.id   7HJM
#
_cell.length_a   26.012
_cell.length_b   47.046
_cell.length_c   46.449
_cell.angle_alpha   90.000
_cell.angle_beta   103.000
_cell.angle_gamma   90.000
#
_symmetry.space_group_name_H-M   'P 1 21 1'
#
loop_
_entity.id
_entity.type
_entity.pdbx_description
1 polymer 'De novo designed ABLE protein'
2 non-polymer 4,6-dimethylpyrimidin-2-amine
3 water water
#
_entity_poly.entity_id   1
_entity_poly.type   'polypeptide(L)'
_entity_poly.pdbx_seq_one_letter_code
;SVKSEYAEAAAVGQEAVAVFNTMKAAFQNGDKEAVAQYLARLASLYTRHEELLNRILEKARREGNKEAVTLMNEFTATFQ
TGKSIFNAMVAAFKNGDDDSFESYLQALEKVTAKGETLADQIAKAL
;
_entity_poly.pdbx_strand_id   A
#
loop_
_chem_comp.id
_chem_comp.type
_chem_comp.name
_chem_comp.formula
5ZE non-polymer 4,6-dimethylpyrimidin-2-amine 'C6 H9 N3'
#
# COMPACT_ATOMS: atom_id res chain seq x y z
N SER A 1 18.51 10.49 8.92
CA SER A 1 17.58 10.54 10.05
C SER A 1 16.36 9.67 9.77
N VAL A 2 15.60 9.42 10.83
CA VAL A 2 14.35 8.68 10.65
C VAL A 2 13.41 9.46 9.75
N LYS A 3 13.50 10.80 9.76
N LYS A 3 13.52 10.79 9.75
CA LYS A 3 12.63 11.60 8.91
CA LYS A 3 12.64 11.60 8.92
C LYS A 3 12.98 11.41 7.44
C LYS A 3 12.98 11.45 7.43
N SER A 4 14.27 11.35 7.11
CA SER A 4 14.66 11.13 5.72
C SER A 4 14.40 9.68 5.29
N GLU A 5 14.51 8.74 6.22
CA GLU A 5 14.09 7.37 5.93
C GLU A 5 12.59 7.32 5.65
N TYR A 6 11.79 8.15 6.31
CA TYR A 6 10.37 8.12 6.04
C TYR A 6 10.07 8.74 4.68
N ALA A 7 10.81 9.77 4.28
CA ALA A 7 10.62 10.34 2.93
C ALA A 7 10.99 9.33 1.83
N GLU A 8 12.01 8.52 2.07
CA GLU A 8 12.36 7.45 1.15
C GLU A 8 11.23 6.40 1.09
N ALA A 9 10.67 6.06 2.25
CA ALA A 9 9.54 5.15 2.29
C ALA A 9 8.34 5.75 1.59
N ALA A 10 8.10 7.06 1.77
CA ALA A 10 6.97 7.69 1.11
C ALA A 10 7.12 7.64 -0.42
N ALA A 11 8.36 7.76 -0.91
CA ALA A 11 8.55 7.70 -2.35
C ALA A 11 8.24 6.32 -2.89
N VAL A 12 8.68 5.27 -2.19
CA VAL A 12 8.32 3.91 -2.59
C VAL A 12 6.80 3.76 -2.61
N GLY A 13 6.11 4.28 -1.59
CA GLY A 13 4.65 4.27 -1.62
C GLY A 13 4.09 4.94 -2.87
N GLN A 14 4.64 6.10 -3.26
CA GLN A 14 4.15 6.78 -4.46
C GLN A 14 4.48 6.01 -5.73
N GLU A 15 5.59 5.26 -5.75
CA GLU A 15 5.87 4.40 -6.90
C GLU A 15 4.79 3.33 -7.04
N ALA A 16 4.37 2.74 -5.93
CA ALA A 16 3.31 1.75 -6.01
C ALA A 16 2.01 2.38 -6.47
N VAL A 17 1.72 3.62 -6.07
CA VAL A 17 0.53 4.29 -6.59
C VAL A 17 0.63 4.41 -8.09
N ALA A 18 1.79 4.82 -8.59
CA ALA A 18 1.91 4.99 -10.04
C ALA A 18 1.72 3.67 -10.77
N VAL A 19 2.39 2.62 -10.30
CA VAL A 19 2.27 1.33 -10.98
C VAL A 19 0.84 0.79 -10.86
N PHE A 20 0.21 1.00 -9.72
N PHE A 20 0.17 1.07 -9.74
CA PHE A 20 -1.15 0.51 -9.52
CA PHE A 20 -1.22 0.68 -9.60
C PHE A 20 -2.11 1.18 -10.49
C PHE A 20 -2.09 1.28 -10.70
N ASN A 21 -1.98 2.48 -10.70
N ASN A 21 -1.81 2.53 -11.09
CA ASN A 21 -2.87 3.14 -11.63
CA ASN A 21 -2.66 3.18 -12.07
C ASN A 21 -2.61 2.67 -13.06
C ASN A 21 -2.46 2.60 -13.46
N THR A 22 -1.37 2.42 -13.42
N THR A 22 -1.22 2.30 -13.86
CA THR A 22 -1.09 1.85 -14.74
CA THR A 22 -1.00 1.63 -15.13
C THR A 22 -1.68 0.45 -14.86
C THR A 22 -1.53 0.19 -15.11
N MET A 23 -1.58 -0.34 -13.78
N MET A 23 -1.57 -0.43 -13.93
CA MET A 23 -2.13 -1.68 -13.79
CA MET A 23 -2.19 -1.74 -13.83
C MET A 23 -3.65 -1.67 -13.93
C MET A 23 -3.70 -1.65 -14.00
N LYS A 24 -4.32 -0.72 -13.28
N LYS A 24 -4.34 -0.71 -13.29
CA LYS A 24 -5.77 -0.60 -13.39
CA LYS A 24 -5.79 -0.57 -13.38
C LYS A 24 -6.16 -0.36 -14.84
C LYS A 24 -6.23 -0.28 -14.81
N ALA A 25 -5.43 0.52 -15.53
CA ALA A 25 -5.74 0.77 -16.94
C ALA A 25 -5.55 -0.50 -17.78
N ALA A 26 -4.48 -1.25 -17.54
CA ALA A 26 -4.24 -2.50 -18.25
C ALA A 26 -5.35 -3.51 -18.00
N PHE A 27 -5.79 -3.64 -16.75
CA PHE A 27 -6.88 -4.54 -16.41
C PHE A 27 -8.13 -4.15 -17.19
N GLN A 28 -8.47 -2.86 -17.17
CA GLN A 28 -9.67 -2.43 -17.88
C GLN A 28 -9.55 -2.75 -19.36
N ASN A 29 -8.35 -2.60 -19.93
CA ASN A 29 -8.14 -2.85 -21.35
C ASN A 29 -8.00 -4.34 -21.71
N GLY A 30 -7.94 -5.21 -20.70
CA GLY A 30 -7.82 -6.63 -20.95
C GLY A 30 -6.43 -7.13 -21.28
N ASP A 31 -5.39 -6.34 -20.97
CA ASP A 31 -3.99 -6.66 -21.29
C ASP A 31 -3.47 -7.45 -20.09
N LYS A 32 -3.81 -8.74 -20.05
N LYS A 32 -3.78 -8.75 -20.09
CA LYS A 32 -3.53 -9.56 -18.88
CA LYS A 32 -3.46 -9.57 -18.92
C LYS A 32 -2.04 -9.80 -18.72
C LYS A 32 -1.95 -9.82 -18.80
N GLU A 33 -1.29 -9.83 -19.83
N GLU A 33 -1.23 -9.83 -19.91
CA GLU A 33 0.16 -9.99 -19.74
CA GLU A 33 0.22 -9.97 -19.83
C GLU A 33 0.79 -8.82 -19.01
C GLU A 33 0.86 -8.80 -19.10
N ALA A 34 0.34 -7.60 -19.31
CA ALA A 34 0.82 -6.44 -18.58
C ALA A 34 0.40 -6.52 -17.12
N VAL A 35 -0.87 -6.83 -16.88
CA VAL A 35 -1.33 -6.90 -15.49
C VAL A 35 -0.44 -7.83 -14.67
N ALA A 36 -0.12 -9.02 -15.21
CA ALA A 36 0.71 -9.95 -14.45
C ALA A 36 2.04 -9.32 -14.05
N GLN A 37 2.67 -8.62 -14.98
CA GLN A 37 3.95 -8.00 -14.68
C GLN A 37 3.79 -6.88 -13.66
N TYR A 38 2.75 -6.05 -13.81
CA TYR A 38 2.53 -4.99 -12.83
C TYR A 38 2.25 -5.55 -11.45
N LEU A 39 1.51 -6.65 -11.36
CA LEU A 39 1.26 -7.25 -10.04
C LEU A 39 2.55 -7.76 -9.39
N ALA A 40 3.45 -8.34 -10.18
CA ALA A 40 4.74 -8.74 -9.63
C ALA A 40 5.52 -7.52 -9.17
N ARG A 41 5.51 -6.45 -9.96
N ARG A 41 5.48 -6.44 -9.96
CA ARG A 41 6.20 -5.22 -9.59
CA ARG A 41 6.15 -5.20 -9.56
C ARG A 41 5.63 -4.66 -8.28
C ARG A 41 5.51 -4.58 -8.33
N LEU A 42 4.30 -4.62 -8.16
N LEU A 42 4.18 -4.64 -8.24
CA LEU A 42 3.66 -4.12 -6.96
CA LEU A 42 3.51 -4.14 -7.04
C LEU A 42 4.00 -4.97 -5.73
C LEU A 42 3.79 -5.01 -5.83
N ALA A 43 4.01 -6.30 -5.89
N ALA A 43 4.07 -6.30 -6.03
CA ALA A 43 4.36 -7.13 -4.73
CA ALA A 43 4.40 -7.15 -4.89
C ALA A 43 5.74 -6.78 -4.21
C ALA A 43 5.73 -6.76 -4.27
N SER A 44 6.70 -6.63 -5.10
N SER A 44 6.69 -6.31 -5.10
CA SER A 44 8.04 -6.25 -4.70
CA SER A 44 7.99 -5.92 -4.58
C SER A 44 8.04 -4.89 -4.01
C SER A 44 7.97 -4.53 -3.94
N LEU A 45 7.30 -3.93 -4.56
N LEU A 45 7.17 -3.62 -4.49
CA LEU A 45 7.23 -2.60 -3.96
CA LEU A 45 7.07 -2.28 -3.92
C LEU A 45 6.61 -2.63 -2.58
C LEU A 45 6.35 -2.30 -2.59
N TYR A 46 5.46 -3.31 -2.43
N TYR A 46 5.31 -3.13 -2.45
CA TYR A 46 4.86 -3.39 -1.10
CA TYR A 46 4.61 -3.25 -1.19
C TYR A 46 5.77 -4.10 -0.11
C TYR A 46 5.42 -4.01 -0.16
N THR A 47 6.45 -5.17 -0.54
N THR A 47 6.24 -4.98 -0.58
CA THR A 47 7.39 -5.81 0.37
CA THR A 47 7.09 -5.69 0.36
C THR A 47 8.44 -4.81 0.85
C THR A 47 8.23 -4.80 0.84
N ARG A 48 9.00 -4.02 -0.06
N ARG A 48 8.85 -4.03 -0.06
CA ARG A 48 9.98 -3.01 0.31
CA ARG A 48 9.89 -3.10 0.34
C ARG A 48 9.37 -1.95 1.23
C ARG A 48 9.33 -2.03 1.27
N HIS A 49 8.20 -1.43 0.89
CA HIS A 49 7.57 -0.41 1.72
C HIS A 49 7.33 -0.93 3.13
N GLU A 50 6.79 -2.14 3.24
CA GLU A 50 6.51 -2.76 4.54
C GLU A 50 7.79 -2.82 5.39
N GLU A 51 8.90 -3.21 4.78
CA GLU A 51 10.16 -3.35 5.52
C GLU A 51 10.65 -2.00 6.00
N LEU A 52 10.58 -0.97 5.13
CA LEU A 52 11.01 0.37 5.51
C LEU A 52 10.14 0.93 6.63
N LEU A 53 8.83 0.69 6.58
CA LEU A 53 7.94 1.15 7.62
C LEU A 53 8.27 0.46 8.96
N ASN A 54 8.62 -0.83 8.93
CA ASN A 54 8.91 -1.49 10.19
C ASN A 54 10.17 -0.93 10.81
N ARG A 55 11.19 -0.68 9.98
CA ARG A 55 12.42 -0.10 10.49
C ARG A 55 12.18 1.28 11.09
N ILE A 56 11.31 2.07 10.46
CA ILE A 56 10.98 3.40 10.97
C ILE A 56 10.26 3.30 12.32
N LEU A 57 9.29 2.38 12.41
CA LEU A 57 8.58 2.19 13.67
C LEU A 57 9.54 1.74 14.77
N GLU A 58 10.39 0.76 14.46
CA GLU A 58 11.35 0.29 15.46
C GLU A 58 12.27 1.41 15.92
N LYS A 59 12.69 2.27 15.00
CA LYS A 59 13.57 3.39 15.37
C LYS A 59 12.83 4.40 16.24
N ALA A 60 11.60 4.75 15.86
CA ALA A 60 10.83 5.67 16.69
C ALA A 60 10.66 5.12 18.11
N ARG A 61 10.47 3.79 18.23
CA ARG A 61 10.39 3.16 19.54
C ARG A 61 11.68 3.31 20.31
N ARG A 62 12.81 3.06 19.64
CA ARG A 62 14.11 3.17 20.33
C ARG A 62 14.40 4.60 20.75
N GLU A 63 13.89 5.58 19.98
CA GLU A 63 14.04 7.00 20.28
C GLU A 63 13.08 7.48 21.36
N GLY A 64 12.11 6.66 21.77
CA GLY A 64 11.12 7.10 22.74
C GLY A 64 10.13 8.12 22.20
N ASN A 65 9.89 8.14 20.90
CA ASN A 65 9.04 9.16 20.28
C ASN A 65 7.61 8.64 20.32
N LYS A 66 6.97 8.81 21.47
CA LYS A 66 5.70 8.16 21.73
C LYS A 66 4.65 8.53 20.69
N GLU A 67 4.53 9.81 20.33
CA GLU A 67 3.50 10.17 19.35
C GLU A 67 3.78 9.52 18.02
N ALA A 68 5.04 9.50 17.58
CA ALA A 68 5.35 8.87 16.30
C ALA A 68 5.06 7.37 16.34
N VAL A 69 5.32 6.73 17.49
CA VAL A 69 5.03 5.30 17.61
C VAL A 69 3.54 5.04 17.49
N THR A 70 2.72 5.85 18.18
CA THR A 70 1.28 5.70 18.08
C THR A 70 0.80 5.77 16.64
N LEU A 71 1.21 6.83 15.93
CA LEU A 71 0.78 7.02 14.55
C LEU A 71 1.28 5.90 13.66
N MET A 72 2.53 5.46 13.85
N MET A 72 2.53 5.46 13.87
CA MET A 72 3.08 4.40 13.02
CA MET A 72 3.06 4.37 13.05
C MET A 72 2.43 3.04 13.33
C MET A 72 2.39 3.05 13.38
N ASN A 73 2.04 2.80 14.59
N ASN A 73 2.15 2.78 14.67
CA ASN A 73 1.25 1.59 14.86
CA ASN A 73 1.44 1.54 15.04
C ASN A 73 -0.08 1.64 14.09
C ASN A 73 0.06 1.48 14.40
N GLU A 74 -0.79 2.77 14.16
N GLU A 74 -0.59 2.63 14.22
CA GLU A 74 -2.04 2.90 13.40
CA GLU A 74 -1.87 2.64 13.53
C GLU A 74 -1.78 2.76 11.91
C GLU A 74 -1.67 2.44 12.03
N PHE A 75 -0.72 3.37 11.41
N PHE A 75 -0.74 3.19 11.44
CA PHE A 75 -0.46 3.36 9.97
CA PHE A 75 -0.53 3.08 10.00
C PHE A 75 -0.10 1.96 9.47
C PHE A 75 0.03 1.72 9.60
N THR A 76 0.77 1.25 10.20
N THR A 76 0.82 1.09 10.47
CA THR A 76 1.15 -0.10 9.77
CA THR A 76 1.35 -0.22 10.12
C THR A 76 -0.04 -1.06 9.85
C THR A 76 0.30 -1.31 10.18
N ALA A 77 -0.94 -0.84 10.80
N ALA A 77 -0.77 -1.11 10.96
CA ALA A 77 -2.17 -1.65 10.83
CA ALA A 77 -1.90 -2.03 10.91
C ALA A 77 -2.98 -1.47 9.55
C ALA A 77 -2.74 -1.80 9.67
N THR A 78 -3.16 -0.22 9.10
N THR A 78 -3.03 -0.53 9.34
CA THR A 78 -3.86 0.04 7.84
CA THR A 78 -3.86 -0.23 8.17
C THR A 78 -3.09 -0.55 6.66
C THR A 78 -3.16 -0.59 6.87
N PHE A 79 -1.76 -0.47 6.71
N PHE A 79 -1.83 -0.44 6.82
CA PHE A 79 -0.94 -1.07 5.65
CA PHE A 79 -1.08 -0.91 5.65
C PHE A 79 -1.28 -2.55 5.47
C PHE A 79 -1.31 -2.40 5.42
N GLN A 80 -1.43 -3.28 6.59
N GLN A 80 -1.46 -3.16 6.50
CA GLN A 80 -1.74 -4.71 6.49
CA GLN A 80 -1.70 -4.60 6.37
C GLN A 80 -3.13 -4.95 5.90
C GLN A 80 -3.10 -4.88 5.82
N THR A 81 -4.09 -4.05 6.15
CA THR A 81 -5.39 -4.17 5.49
C THR A 81 -5.21 -4.07 3.99
N GLY A 82 -4.43 -3.10 3.54
N GLY A 82 -4.49 -3.04 3.53
CA GLY A 82 -4.14 -2.99 2.12
CA GLY A 82 -4.33 -2.83 2.11
C GLY A 82 -3.44 -4.23 1.59
C GLY A 82 -3.49 -3.90 1.44
N LYS A 83 -2.47 -4.75 2.34
N LYS A 83 -2.49 -4.42 2.15
CA LYS A 83 -1.75 -5.93 1.89
CA LYS A 83 -1.70 -5.52 1.62
C LYS A 83 -2.68 -7.14 1.75
C LYS A 83 -2.55 -6.78 1.45
N SER A 84 -3.58 -7.34 2.70
N SER A 84 -3.42 -7.05 2.42
CA SER A 84 -4.51 -8.45 2.60
CA SER A 84 -4.31 -8.21 2.32
C SER A 84 -5.40 -8.29 1.38
C SER A 84 -5.26 -8.07 1.13
N ILE A 85 -5.89 -7.08 1.14
N ILE A 85 -5.73 -6.85 0.87
CA ILE A 85 -6.72 -6.87 -0.03
CA ILE A 85 -6.62 -6.65 -0.27
C ILE A 85 -5.91 -7.09 -1.31
C ILE A 85 -5.85 -6.80 -1.57
N PHE A 86 -4.68 -6.55 -1.34
N PHE A 86 -4.58 -6.38 -1.59
CA PHE A 86 -3.81 -6.77 -2.48
CA PHE A 86 -3.75 -6.60 -2.77
C PHE A 86 -3.63 -8.26 -2.77
C PHE A 86 -3.51 -8.09 -3.00
N ASN A 87 -3.29 -9.03 -1.74
N ASN A 87 -3.22 -8.83 -1.94
CA ASN A 87 -3.09 -10.46 -1.94
CA ASN A 87 -2.96 -10.27 -2.12
C ASN A 87 -4.35 -11.12 -2.48
C ASN A 87 -4.22 -11.00 -2.57
N ALA A 88 -5.52 -10.69 -1.99
N ALA A 88 -5.39 -10.54 -2.13
CA ALA A 88 -6.76 -11.25 -2.50
CA ALA A 88 -6.64 -11.10 -2.64
C ALA A 88 -6.97 -10.87 -3.96
C ALA A 88 -6.85 -10.75 -4.10
N MET A 89 -6.54 -9.67 -4.34
N MET A 89 -6.49 -9.52 -4.48
CA MET A 89 -6.61 -9.23 -5.73
CA MET A 89 -6.58 -9.13 -5.88
C MET A 89 -5.77 -10.13 -6.62
C MET A 89 -5.67 -9.97 -6.76
N VAL A 90 -4.52 -10.38 -6.21
CA VAL A 90 -3.61 -11.27 -6.93
C VAL A 90 -4.25 -12.64 -7.11
N ALA A 91 -4.88 -13.17 -6.06
CA ALA A 91 -5.54 -14.47 -6.15
C ALA A 91 -6.69 -14.43 -7.16
N ALA A 92 -7.46 -13.34 -7.14
CA ALA A 92 -8.56 -13.19 -8.07
C ALA A 92 -8.06 -13.15 -9.50
N PHE A 93 -6.89 -12.57 -9.73
CA PHE A 93 -6.32 -12.56 -11.07
C PHE A 93 -5.91 -13.97 -11.49
N LYS A 94 -5.23 -14.69 -10.60
N LYS A 94 -5.23 -14.70 -10.60
CA LYS A 94 -4.83 -16.07 -10.86
CA LYS A 94 -4.83 -16.07 -10.90
C LYS A 94 -6.04 -16.92 -11.21
C LYS A 94 -6.05 -16.94 -11.21
N ASN A 95 -7.15 -16.72 -10.49
CA ASN A 95 -8.36 -17.53 -10.67
C ASN A 95 -9.23 -17.07 -11.83
N GLY A 96 -8.91 -15.95 -12.48
CA GLY A 96 -9.76 -15.43 -13.55
C GLY A 96 -11.07 -14.83 -13.09
N ASP A 97 -11.14 -14.37 -11.84
CA ASP A 97 -12.37 -13.82 -11.28
C ASP A 97 -12.30 -12.31 -11.42
N ASP A 98 -12.75 -11.79 -12.56
CA ASP A 98 -12.65 -10.36 -12.78
C ASP A 98 -13.59 -9.58 -11.89
N ASP A 99 -14.72 -10.17 -11.48
CA ASP A 99 -15.62 -9.49 -10.56
C ASP A 99 -14.94 -9.27 -9.21
N SER A 100 -14.30 -10.29 -8.66
CA SER A 100 -13.59 -10.07 -7.41
C SER A 100 -12.39 -9.15 -7.61
N PHE A 101 -11.72 -9.23 -8.77
CA PHE A 101 -10.57 -8.35 -8.99
C PHE A 101 -11.01 -6.89 -8.93
N GLU A 102 -12.09 -6.54 -9.63
CA GLU A 102 -12.64 -5.20 -9.60
C GLU A 102 -12.97 -4.76 -8.19
N SER A 103 -13.65 -5.63 -7.43
CA SER A 103 -14.04 -5.31 -6.06
C SER A 103 -12.83 -5.00 -5.21
N TYR A 104 -11.85 -5.92 -5.18
N TYR A 104 -11.85 -5.92 -5.18
CA TYR A 104 -10.65 -5.70 -4.40
CA TYR A 104 -10.64 -5.70 -4.39
C TYR A 104 -9.90 -4.44 -4.84
C TYR A 104 -9.86 -4.48 -4.88
N LEU A 105 -9.88 -4.17 -6.14
N LEU A 105 -9.93 -4.18 -6.17
CA LEU A 105 -9.17 -3.01 -6.66
CA LEU A 105 -9.18 -3.04 -6.70
C LEU A 105 -9.76 -1.70 -6.10
C LEU A 105 -9.66 -1.73 -6.08
N GLN A 106 -11.09 -1.60 -6.13
N GLN A 106 -10.97 -1.46 -6.16
CA GLN A 106 -11.76 -0.43 -5.57
CA GLN A 106 -11.50 -0.24 -5.58
C GLN A 106 -11.54 -0.33 -4.06
C GLN A 106 -11.24 -0.17 -4.08
N ALA A 107 -11.61 -1.47 -3.36
N ALA A 107 -11.23 -1.32 -3.40
CA ALA A 107 -11.38 -1.45 -1.91
CA ALA A 107 -10.96 -1.34 -1.96
C ALA A 107 -9.97 -0.97 -1.59
C ALA A 107 -9.54 -0.90 -1.67
N LEU A 108 -8.98 -1.42 -2.37
N LEU A 108 -8.57 -1.35 -2.47
CA LEU A 108 -7.60 -1.02 -2.09
CA LEU A 108 -7.19 -0.92 -2.28
C LEU A 108 -7.42 0.47 -2.30
C LEU A 108 -7.02 0.55 -2.66
N GLU A 109 -8.11 1.01 -3.30
N GLU A 109 -7.87 1.06 -3.55
CA GLU A 109 -8.09 2.46 -3.53
CA GLU A 109 -7.84 2.49 -3.88
C GLU A 109 -8.67 3.23 -2.36
C GLU A 109 -8.24 3.34 -2.69
N LYS A 110 -9.78 2.75 -1.80
N LYS A 110 -9.32 2.96 -2.01
CA LYS A 110 -10.42 3.48 -0.70
CA LYS A 110 -9.88 3.80 -0.95
C LYS A 110 -9.63 3.34 0.59
C LYS A 110 -9.03 3.72 0.33
N VAL A 111 -9.08 2.15 0.87
N VAL A 111 -8.59 2.51 0.71
CA VAL A 111 -8.22 1.99 2.03
CA VAL A 111 -7.80 2.38 1.93
C VAL A 111 -7.01 2.92 1.92
C VAL A 111 -6.49 3.14 1.80
N THR A 112 -6.49 3.09 0.71
N THR A 112 -5.90 3.13 0.62
CA THR A 112 -5.28 3.87 0.51
CA THR A 112 -4.68 3.91 0.39
C THR A 112 -5.55 5.37 0.64
C THR A 112 -4.98 5.40 0.41
N ALA A 113 -6.64 5.84 0.04
N ALA A 113 -6.15 5.81 -0.09
CA ALA A 113 -6.99 7.25 0.17
CA ALA A 113 -6.52 7.22 -0.04
C ALA A 113 -7.30 7.61 1.62
C ALA A 113 -6.96 7.63 1.36
N LYS A 114 -7.94 6.71 2.36
N LYS A 114 -7.55 6.71 2.13
CA LYS A 114 -8.25 6.99 3.76
CA LYS A 114 -7.95 7.06 3.50
C LYS A 114 -7.01 7.16 4.60
C LYS A 114 -6.74 7.34 4.37
N GLY A 115 -5.93 6.45 4.26
N GLY A 115 -5.67 6.57 4.20
CA GLY A 115 -4.74 6.49 5.08
CA GLY A 115 -4.47 6.73 5.01
C GLY A 115 -3.82 7.66 4.85
C GLY A 115 -3.57 7.88 4.62
N GLU A 116 -4.18 8.60 3.97
N GLU A 116 -4.00 8.73 3.69
CA GLU A 116 -3.22 9.60 3.55
CA GLU A 116 -3.13 9.81 3.23
C GLU A 116 -3.06 10.73 4.57
C GLU A 116 -2.86 10.81 4.35
N THR A 117 -4.11 11.08 5.29
N THR A 117 -3.92 11.26 5.04
CA THR A 117 -3.93 12.09 6.33
CA THR A 117 -3.74 12.29 6.05
C THR A 117 -2.95 11.60 7.39
C THR A 117 -2.96 11.75 7.25
N LEU A 118 -3.08 10.35 7.81
N LEU A 118 -3.19 10.50 7.62
CA LEU A 118 -2.14 9.78 8.78
CA LEU A 118 -2.38 9.89 8.67
C LEU A 118 -0.72 9.73 8.21
C LEU A 118 -0.92 9.76 8.23
N ALA A 119 -0.58 9.37 6.94
N ALA A 119 -0.70 9.39 6.97
CA ALA A 119 0.75 9.34 6.33
CA ALA A 119 0.67 9.33 6.45
C ALA A 119 1.44 10.70 6.44
C ALA A 119 1.33 10.71 6.49
N ASP A 120 0.70 11.78 6.19
N ASP A 120 0.55 11.78 6.26
CA ASP A 120 1.30 13.11 6.32
CA ASP A 120 1.13 13.12 6.35
C ASP A 120 1.58 13.46 7.77
C ASP A 120 1.37 13.53 7.80
N GLN A 121 0.68 13.05 8.68
N GLN A 121 0.59 12.99 8.75
CA GLN A 121 0.90 13.29 10.11
CA GLN A 121 0.86 13.25 10.16
C GLN A 121 2.22 12.68 10.58
C GLN A 121 2.20 12.67 10.58
N ILE A 122 2.54 11.48 10.06
CA ILE A 122 3.75 10.81 10.50
C ILE A 122 4.99 11.60 10.09
N ALA A 123 5.02 12.11 8.86
CA ALA A 123 6.17 12.89 8.43
C ALA A 123 6.46 14.02 9.41
N LYS A 124 5.41 14.68 9.91
N LYS A 124 5.41 14.69 9.90
CA LYS A 124 5.59 15.81 10.81
CA LYS A 124 5.59 15.81 10.81
C LYS A 124 6.02 15.35 12.19
C LYS A 124 5.99 15.37 12.21
N ALA A 125 5.63 14.15 12.59
CA ALA A 125 5.89 13.67 13.94
C ALA A 125 7.29 13.10 14.14
N LEU A 126 7.95 12.65 13.09
CA LEU A 126 9.20 11.92 13.25
C LEU A 126 10.35 12.84 13.63
C1 5ZE B . -3.20 2.36 3.81
C2 5ZE B . -2.15 1.92 2.85
C3 5ZE B . -2.09 0.58 2.44
C4 5ZE B . -1.09 0.22 1.53
C5 5ZE B . -0.99 -1.19 1.08
N6 5ZE B . -0.17 1.12 1.05
C7 5ZE B . -0.33 2.42 1.53
N8 5ZE B . 0.57 3.36 1.08
N9 5ZE B . -1.29 2.87 2.43
H1 5ZE B . -2.98 1.97 4.82
H2 5ZE B . -3.26 3.44 3.89
H3 5ZE B . -4.21 2.00 3.55
H4 5ZE B . -2.80 -0.16 2.81
H5 5ZE B . -1.49 -1.27 0.09
H6 5ZE B . -1.48 -1.91 1.74
H7 5ZE B . 0.04 -1.51 0.93
H8 5ZE B . 1.42 3.53 1.57
H9 5ZE B . 0.37 3.89 0.25
#